data_8T1W
#
_entry.id   8T1W
#
_cell.length_a   63.731
_cell.length_b   63.731
_cell.length_c   250.932
_cell.angle_alpha   90.00
_cell.angle_beta   90.00
_cell.angle_gamma   120.00
#
_symmetry.space_group_name_H-M   'P 32 2 1'
#
loop_
_entity.id
_entity.type
_entity.pdbx_description
1 polymer 'G-protein coupled receptor 6, Soluble cytochrome b562 chimera'
2 non-polymer 1-{2-[4-(2,4-difluorophenoxy)piperidin-1-yl]-3-{[(3R)-oxolan-3-yl]amino}-7,8-dihydropyrido[3,4-b]pyrazin-6(5H)-yl}ethan-1-one
#
_entity_poly.entity_id   1
_entity_poly.type   'polypeptide(L)'
_entity_poly.pdbx_seq_one_letter_code
;MKTIIALSYIFCLVFADYKDDDDAGRAGGANGSLELSSQLSAGPPGLLLPAVNPWDVLLCVSGTVIAGENALVVALIAST
PALRTPMFVLVGSLATADLLAGLGLILHFVFQYLVPSETVSLLTVGFLVASFAASVSSLLAITVDRYLSLYNPLTYYSRR
TLLGVHLLLAATWTVSLGLGLLPVLGWNCLAERAACSVVRPLARSHVALLSAAFFMVFGIMLHLYVRICQVVWRHAADLE
DNWETLNDNLKVIEKADNAAQVKDALTKMRAAALDAQKATPPKLEDKSPDSPEMKDFRHGFDILVGQIDDALKLANEGKV
KEAQAAAEQLKTTRNAYIQKYLAHLAATRKGVRTLAVVLGTFGACWLPFAIYCVVGSHEDPAVYTYATLLPATLNSMINP
IIYAFRNQEIQRALWLLLDGCFQSKVPFRSRSPSEVEFLEVLFQGPHHHHHHHHH
;
_entity_poly.pdbx_strand_id   A
#
# COMPACT_ATOMS: atom_id res chain seq x y z
N LEU A 49 17.29 -7.79 31.72
CA LEU A 49 16.15 -7.29 30.94
C LEU A 49 16.13 -5.76 30.95
N PRO A 50 15.89 -5.15 32.11
CA PRO A 50 15.93 -3.69 32.19
C PRO A 50 17.30 -3.10 31.90
N ALA A 51 18.33 -3.94 31.82
CA ALA A 51 19.67 -3.50 31.49
C ALA A 51 19.76 -3.01 30.04
N VAL A 52 20.50 -1.91 29.84
CA VAL A 52 20.55 -1.27 28.52
C VAL A 52 21.57 -1.94 27.59
N ASN A 53 22.64 -2.55 28.12
CA ASN A 53 23.60 -3.23 27.25
C ASN A 53 23.06 -4.57 26.77
N PRO A 54 22.43 -5.36 27.64
CA PRO A 54 21.71 -6.54 27.14
C PRO A 54 20.61 -6.16 26.16
N TRP A 55 19.89 -5.08 26.42
CA TRP A 55 18.96 -4.54 25.44
C TRP A 55 19.67 -4.19 24.15
N ASP A 56 20.88 -3.63 24.27
CA ASP A 56 21.62 -3.14 23.12
C ASP A 56 22.03 -4.29 22.21
N VAL A 57 22.57 -5.36 22.80
CA VAL A 57 22.93 -6.52 21.99
C VAL A 57 21.67 -7.19 21.42
N LEU A 58 20.60 -7.22 22.20
CA LEU A 58 19.33 -7.74 21.70
C LEU A 58 18.91 -7.01 20.43
N LEU A 59 18.82 -5.69 20.51
CA LEU A 59 18.42 -4.91 19.35
C LEU A 59 19.46 -5.02 18.24
N CYS A 60 20.73 -5.26 18.57
CA CYS A 60 21.73 -5.46 17.52
C CYS A 60 21.40 -6.69 16.69
N VAL A 61 21.14 -7.81 17.36
CA VAL A 61 20.79 -9.03 16.63
C VAL A 61 19.47 -8.84 15.90
N SER A 62 18.50 -8.16 16.52
CA SER A 62 17.22 -7.95 15.88
C SER A 62 17.37 -7.10 14.61
N GLY A 63 18.24 -6.09 14.65
CA GLY A 63 18.44 -5.26 13.48
C GLY A 63 19.24 -5.95 12.39
N THR A 64 20.15 -6.85 12.77
CA THR A 64 20.73 -7.75 11.79
C THR A 64 19.65 -8.53 11.07
N VAL A 65 18.72 -9.11 11.84
CA VAL A 65 17.60 -9.84 11.26
C VAL A 65 16.82 -8.94 10.30
N ILE A 66 16.51 -7.73 10.76
CA ILE A 66 15.68 -6.80 9.99
C ILE A 66 16.35 -6.45 8.66
N ALA A 67 17.64 -6.10 8.72
CA ALA A 67 18.35 -5.74 7.51
C ALA A 67 18.39 -6.90 6.53
N GLY A 68 18.63 -8.12 7.04
CA GLY A 68 18.68 -9.26 6.15
C GLY A 68 17.36 -9.48 5.41
N GLU A 69 16.26 -9.49 6.16
CA GLU A 69 14.97 -9.74 5.51
C GLU A 69 14.63 -8.62 4.53
N ASN A 70 14.90 -7.37 4.90
CA ASN A 70 14.61 -6.27 4.00
C ASN A 70 15.43 -6.35 2.71
N ALA A 71 16.71 -6.71 2.83
CA ALA A 71 17.53 -6.86 1.63
C ALA A 71 17.00 -7.96 0.73
N LEU A 72 16.58 -9.08 1.33
CA LEU A 72 15.98 -10.15 0.55
C LEU A 72 14.77 -9.64 -0.23
N VAL A 73 13.90 -8.87 0.43
CA VAL A 73 12.70 -8.38 -0.25
C VAL A 73 13.06 -7.43 -1.38
N VAL A 74 14.02 -6.53 -1.14
CA VAL A 74 14.43 -5.60 -2.20
C VAL A 74 14.95 -6.38 -3.40
N ALA A 75 15.74 -7.43 -3.13
CA ALA A 75 16.25 -8.26 -4.22
C ALA A 75 15.10 -8.89 -5.00
N LEU A 76 14.07 -9.39 -4.29
CA LEU A 76 12.96 -10.01 -4.99
C LEU A 76 12.22 -9.00 -5.88
N ILE A 77 11.99 -7.79 -5.37
CA ILE A 77 11.28 -6.80 -6.18
C ILE A 77 12.12 -6.39 -7.37
N ALA A 78 13.43 -6.23 -7.18
CA ALA A 78 14.28 -5.79 -8.29
C ALA A 78 14.47 -6.89 -9.33
N SER A 79 14.42 -8.15 -8.92
CA SER A 79 14.69 -9.27 -9.82
C SER A 79 13.46 -9.83 -10.47
N THR A 80 12.29 -9.72 -9.83
CA THR A 80 11.07 -10.32 -10.36
C THR A 80 10.33 -9.30 -11.21
N PRO A 81 10.22 -9.50 -12.53
CA PRO A 81 9.40 -8.56 -13.33
C PRO A 81 7.94 -8.56 -12.92
N ALA A 82 7.42 -9.70 -12.48
CA ALA A 82 6.05 -9.75 -11.98
C ALA A 82 5.84 -8.83 -10.79
N LEU A 83 6.91 -8.53 -10.05
CA LEU A 83 6.86 -7.64 -8.89
C LEU A 83 7.23 -6.20 -9.24
N ARG A 84 7.26 -5.86 -10.52
CA ARG A 84 7.67 -4.54 -10.97
C ARG A 84 6.51 -3.57 -11.13
N THR A 85 5.31 -3.95 -10.71
CA THR A 85 4.20 -3.03 -10.76
C THR A 85 4.42 -1.88 -9.78
N PRO A 86 3.83 -0.71 -10.05
CA PRO A 86 3.91 0.40 -9.09
C PRO A 86 3.79 -0.03 -7.65
N MET A 87 2.74 -0.77 -7.30
CA MET A 87 2.53 -1.18 -5.92
C MET A 87 3.77 -1.86 -5.37
N PHE A 88 4.27 -2.86 -6.08
CA PHE A 88 5.38 -3.64 -5.53
C PHE A 88 6.70 -2.89 -5.63
N VAL A 89 6.84 -1.97 -6.57
CA VAL A 89 8.02 -1.10 -6.59
C VAL A 89 8.05 -0.25 -5.32
N LEU A 90 6.90 0.34 -4.97
CA LEU A 90 6.80 1.12 -3.74
C LEU A 90 7.05 0.24 -2.52
N VAL A 91 6.52 -0.98 -2.54
CA VAL A 91 6.74 -1.91 -1.45
C VAL A 91 8.22 -2.20 -1.30
N GLY A 92 8.93 -2.37 -2.42
CA GLY A 92 10.37 -2.53 -2.36
C GLY A 92 11.07 -1.30 -1.80
N SER A 93 10.55 -0.11 -2.11
CA SER A 93 11.10 1.10 -1.51
C SER A 93 10.98 1.07 0.02
N LEU A 94 9.82 0.65 0.52
CA LEU A 94 9.67 0.51 1.97
C LEU A 94 10.62 -0.55 2.51
N ALA A 95 10.79 -1.64 1.77
CA ALA A 95 11.75 -2.65 2.18
C ALA A 95 13.14 -2.05 2.32
N THR A 96 13.51 -1.17 1.38
CA THR A 96 14.80 -0.50 1.47
C THR A 96 14.87 0.40 2.70
N ALA A 97 13.77 1.08 3.03
CA ALA A 97 13.76 1.92 4.22
C ALA A 97 14.00 1.11 5.48
N ASP A 98 13.30 -0.02 5.61
CA ASP A 98 13.49 -0.88 6.77
C ASP A 98 14.88 -1.51 6.76
N LEU A 99 15.40 -1.81 5.57
CA LEU A 99 16.79 -2.24 5.46
C LEU A 99 17.72 -1.20 6.06
N LEU A 100 17.51 0.06 5.71
CA LEU A 100 18.31 1.13 6.27
C LEU A 100 18.17 1.18 7.78
N ALA A 101 16.96 0.97 8.29
CA ALA A 101 16.77 0.93 9.74
C ALA A 101 17.67 -0.14 10.37
N GLY A 102 17.60 -1.36 9.85
CA GLY A 102 18.40 -2.44 10.40
C GLY A 102 19.89 -2.17 10.31
N LEU A 103 20.34 -1.71 9.14
CA LEU A 103 21.75 -1.41 8.94
C LEU A 103 22.21 -0.30 9.87
N GLY A 104 21.42 0.76 9.99
CA GLY A 104 21.81 1.88 10.82
C GLY A 104 21.94 1.50 12.28
N LEU A 105 20.99 0.72 12.79
CA LEU A 105 21.11 0.32 14.19
C LEU A 105 22.24 -0.68 14.40
N ILE A 106 22.49 -1.55 13.42
CA ILE A 106 23.63 -2.44 13.53
C ILE A 106 24.92 -1.63 13.61
N LEU A 107 25.05 -0.64 12.73
CA LEU A 107 26.23 0.22 12.74
C LEU A 107 26.30 1.02 14.04
N HIS A 108 25.16 1.45 14.56
CA HIS A 108 25.16 2.22 15.80
C HIS A 108 25.63 1.37 16.96
N PHE A 109 25.29 0.08 16.97
CA PHE A 109 25.87 -0.80 17.98
C PHE A 109 27.35 -1.02 17.72
N VAL A 110 27.70 -1.33 16.47
CA VAL A 110 29.08 -1.67 16.13
C VAL A 110 30.02 -0.57 16.59
N PHE A 111 29.65 0.67 16.29
CA PHE A 111 30.44 1.80 16.72
C PHE A 111 30.23 2.09 18.20
N GLN A 112 28.98 2.03 18.65
CA GLN A 112 28.62 2.33 20.04
C GLN A 112 29.63 1.70 21.00
N TYR A 113 30.03 0.48 20.74
CA TYR A 113 31.16 -0.15 21.43
C TYR A 113 32.27 -0.35 20.40
N LEU A 114 33.41 0.30 20.63
CA LEU A 114 34.55 0.28 19.72
C LEU A 114 34.39 1.20 18.51
N VAL A 115 33.61 2.27 18.65
CA VAL A 115 33.48 3.28 17.59
C VAL A 115 34.79 4.02 17.40
N PRO A 116 35.12 4.43 16.17
CA PRO A 116 36.24 5.38 15.99
C PRO A 116 35.91 6.79 16.47
N SER A 117 34.73 7.31 16.13
CA SER A 117 34.43 8.71 16.42
C SER A 117 32.94 8.91 16.63
N GLU A 118 32.61 9.96 17.38
CA GLU A 118 31.20 10.33 17.56
C GLU A 118 30.58 10.78 16.25
N THR A 119 31.32 11.58 15.45
CA THR A 119 30.85 11.98 14.13
C THR A 119 30.12 10.83 13.44
N VAL A 120 30.71 9.64 13.51
CA VAL A 120 30.13 8.48 12.85
C VAL A 120 28.79 8.13 13.48
N SER A 121 28.68 8.21 14.81
CA SER A 121 27.42 7.90 15.47
C SER A 121 26.35 8.92 15.10
N LEU A 122 26.74 10.19 14.92
CA LEU A 122 25.80 11.19 14.44
C LEU A 122 25.31 10.83 13.04
N LEU A 123 26.21 10.36 12.19
CA LEU A 123 25.80 9.90 10.86
C LEU A 123 24.86 8.70 10.95
N THR A 124 25.11 7.78 11.88
CA THR A 124 24.23 6.61 12.00
C THR A 124 22.86 6.99 12.54
N VAL A 125 22.78 7.98 13.41
CA VAL A 125 21.45 8.47 13.79
C VAL A 125 20.79 9.13 12.60
N GLY A 126 21.56 9.80 11.75
CA GLY A 126 21.03 10.21 10.47
C GLY A 126 20.47 9.04 9.70
N PHE A 127 21.14 7.90 9.79
CA PHE A 127 20.67 6.66 9.16
C PHE A 127 19.29 6.27 9.69
N LEU A 128 19.15 6.20 11.01
CA LEU A 128 17.88 5.79 11.60
C LEU A 128 16.77 6.79 11.27
N VAL A 129 17.12 8.08 11.32
CA VAL A 129 16.17 9.13 10.94
C VAL A 129 15.70 8.91 9.51
N ALA A 130 16.64 8.65 8.61
CA ALA A 130 16.30 8.43 7.20
C ALA A 130 15.42 7.20 7.05
N SER A 131 15.72 6.13 7.78
CA SER A 131 14.90 4.92 7.68
C SER A 131 13.46 5.22 8.10
N PHE A 132 13.28 5.90 9.23
CA PHE A 132 11.94 6.24 9.68
C PHE A 132 11.21 7.11 8.65
N ALA A 133 11.88 8.16 8.19
CA ALA A 133 11.22 9.08 7.25
C ALA A 133 10.87 8.39 5.95
N ALA A 134 11.78 7.58 5.41
CA ALA A 134 11.51 6.86 4.18
C ALA A 134 10.37 5.88 4.37
N SER A 135 10.34 5.18 5.50
CA SER A 135 9.24 4.26 5.77
C SER A 135 7.91 4.99 5.74
N VAL A 136 7.79 6.08 6.50
CA VAL A 136 6.52 6.78 6.57
C VAL A 136 6.13 7.34 5.21
N SER A 137 7.10 7.93 4.50
CA SER A 137 6.81 8.53 3.21
C SER A 137 6.34 7.49 2.21
N SER A 138 7.08 6.38 2.10
CA SER A 138 6.70 5.34 1.15
C SER A 138 5.38 4.67 1.56
N LEU A 139 5.05 4.66 2.85
CA LEU A 139 3.75 4.13 3.27
C LEU A 139 2.63 5.00 2.73
N LEU A 140 2.76 6.32 2.90
CA LEU A 140 1.81 7.21 2.25
C LEU A 140 1.79 6.98 0.74
N ALA A 141 2.95 6.70 0.16
CA ALA A 141 3.04 6.48 -1.28
C ALA A 141 2.21 5.28 -1.71
N ILE A 142 2.31 4.18 -0.97
CA ILE A 142 1.53 2.99 -1.31
C ILE A 142 0.05 3.26 -1.12
N THR A 143 -0.30 4.01 -0.08
CA THR A 143 -1.70 4.40 0.09
C THR A 143 -2.22 5.09 -1.16
N VAL A 144 -1.46 6.08 -1.66
CA VAL A 144 -1.94 6.82 -2.82
C VAL A 144 -1.90 5.95 -4.07
N ASP A 145 -0.93 5.06 -4.20
CA ASP A 145 -0.91 4.15 -5.33
C ASP A 145 -2.17 3.31 -5.36
N ARG A 146 -2.56 2.76 -4.21
CA ARG A 146 -3.79 2.00 -4.12
C ARG A 146 -4.99 2.88 -4.50
N TYR A 147 -5.05 4.08 -3.92
CA TYR A 147 -6.20 4.95 -4.17
C TYR A 147 -6.31 5.29 -5.65
N LEU A 148 -5.19 5.59 -6.30
CA LEU A 148 -5.21 5.91 -7.72
C LEU A 148 -5.57 4.69 -8.56
N SER A 149 -4.99 3.54 -8.24
CA SER A 149 -5.27 2.33 -9.02
C SER A 149 -6.74 1.97 -8.97
N LEU A 150 -7.40 2.21 -7.83
CA LEU A 150 -8.79 1.83 -7.70
C LEU A 150 -9.78 2.93 -8.11
N TYR A 151 -9.37 4.21 -8.03
CA TYR A 151 -10.31 5.30 -8.27
C TYR A 151 -10.86 5.25 -9.69
N ASN A 152 -9.98 5.08 -10.66
CA ASN A 152 -10.35 5.03 -12.07
C ASN A 152 -9.23 4.32 -12.81
N PRO A 153 -9.17 2.99 -12.75
CA PRO A 153 -8.00 2.28 -13.30
C PRO A 153 -7.72 2.58 -14.75
N LEU A 154 -8.73 3.01 -15.52
CA LEU A 154 -8.47 3.45 -16.88
C LEU A 154 -7.57 4.67 -16.89
N THR A 155 -7.84 5.65 -16.01
CA THR A 155 -6.95 6.79 -15.86
C THR A 155 -5.61 6.37 -15.27
N TYR A 156 -5.55 5.17 -14.67
CA TYR A 156 -4.29 4.60 -14.18
C TYR A 156 -3.48 4.10 -15.38
N TYR A 157 -3.18 5.04 -16.28
CA TYR A 157 -2.45 4.74 -17.49
C TYR A 157 -0.96 4.66 -17.21
N SER A 158 -0.25 3.98 -18.11
CA SER A 158 1.16 3.68 -17.86
C SER A 158 1.99 4.94 -17.73
N ARG A 159 1.72 5.95 -18.57
CA ARG A 159 2.57 7.13 -18.57
C ARG A 159 2.55 7.83 -17.22
N ARG A 160 1.37 8.31 -16.81
CA ARG A 160 1.29 9.08 -15.57
C ARG A 160 1.61 8.22 -14.36
N THR A 161 1.26 6.93 -14.39
CA THR A 161 1.51 6.07 -13.23
C THR A 161 2.98 5.76 -13.06
N LEU A 162 3.67 5.36 -14.13
CA LEU A 162 5.12 5.14 -14.02
C LEU A 162 5.84 6.44 -13.67
N LEU A 163 5.44 7.54 -14.33
CA LEU A 163 5.97 8.84 -13.97
C LEU A 163 5.81 9.11 -12.49
N GLY A 164 4.58 8.95 -11.99
CA GLY A 164 4.32 9.22 -10.59
C GLY A 164 5.11 8.32 -9.67
N VAL A 165 5.23 7.04 -10.02
CA VAL A 165 5.90 6.10 -9.14
C VAL A 165 7.38 6.44 -9.02
N HIS A 166 8.03 6.65 -10.16
CA HIS A 166 9.46 7.00 -10.10
C HIS A 166 9.67 8.36 -9.44
N LEU A 167 8.76 9.30 -9.69
CA LEU A 167 8.81 10.59 -9.00
C LEU A 167 8.66 10.41 -7.50
N LEU A 168 7.74 9.54 -7.07
CA LEU A 168 7.52 9.31 -5.65
C LEU A 168 8.76 8.74 -5.00
N LEU A 169 9.39 7.76 -5.64
CA LEU A 169 10.61 7.21 -5.08
C LEU A 169 11.69 8.27 -4.98
N ALA A 170 11.84 9.10 -6.02
CA ALA A 170 12.85 10.15 -5.97
C ALA A 170 12.57 11.12 -4.83
N ALA A 171 11.35 11.65 -4.76
CA ALA A 171 11.00 12.66 -3.76
C ALA A 171 10.97 12.08 -2.35
N THR A 172 10.84 10.76 -2.22
CA THR A 172 10.92 10.15 -0.90
C THR A 172 12.36 9.98 -0.45
N TRP A 173 13.19 9.35 -1.28
CA TRP A 173 14.56 9.06 -0.87
C TRP A 173 15.37 10.34 -0.74
N THR A 174 15.18 11.29 -1.65
CA THR A 174 15.86 12.57 -1.53
C THR A 174 15.56 13.24 -0.19
N VAL A 175 14.27 13.37 0.14
CA VAL A 175 13.87 14.06 1.36
C VAL A 175 14.38 13.30 2.58
N SER A 176 14.22 11.97 2.59
CA SER A 176 14.62 11.18 3.74
C SER A 176 16.12 11.29 3.98
N LEU A 177 16.91 11.21 2.92
CA LEU A 177 18.36 11.32 3.08
C LEU A 177 18.75 12.72 3.52
N GLY A 178 18.10 13.76 2.97
CA GLY A 178 18.39 15.11 3.43
C GLY A 178 18.14 15.27 4.91
N LEU A 179 17.01 14.75 5.39
CA LEU A 179 16.74 14.79 6.82
C LEU A 179 17.80 14.03 7.61
N GLY A 180 18.13 12.82 7.16
CA GLY A 180 19.14 12.04 7.86
C GLY A 180 20.48 12.75 7.92
N LEU A 181 20.76 13.61 6.95
CA LEU A 181 22.01 14.36 6.94
C LEU A 181 21.96 15.65 7.73
N LEU A 182 20.77 16.22 7.92
CA LEU A 182 20.66 17.48 8.66
C LEU A 182 21.40 17.46 10.00
N PRO A 183 21.31 16.41 10.84
CA PRO A 183 22.12 16.42 12.07
C PRO A 183 23.60 16.54 11.78
N VAL A 184 24.04 16.09 10.60
CA VAL A 184 25.43 16.27 10.22
C VAL A 184 25.73 17.74 9.95
N LEU A 185 24.77 18.46 9.34
CA LEU A 185 24.98 19.86 9.00
C LEU A 185 25.11 20.76 10.22
N GLY A 186 24.68 20.29 11.39
CA GLY A 186 24.68 21.11 12.58
C GLY A 186 23.29 21.26 13.18
N TRP A 187 22.43 20.27 12.94
CA TRP A 187 21.09 20.23 13.49
C TRP A 187 20.98 19.16 14.58
N ASN A 188 22.06 18.94 15.32
CA ASN A 188 22.11 17.99 16.42
C ASN A 188 21.98 18.72 17.75
N CYS A 189 22.18 18.00 18.85
CA CYS A 189 21.87 18.49 20.19
C CYS A 189 23.12 18.73 21.03
N LEU A 190 24.29 18.84 20.41
CA LEU A 190 25.55 18.87 21.14
C LEU A 190 26.04 20.29 21.41
N ALA A 191 25.13 21.24 21.64
CA ALA A 191 25.48 22.62 21.94
C ALA A 191 25.03 23.00 23.34
N GLU A 192 25.78 23.92 23.96
CA GLU A 192 25.50 24.35 25.32
C GLU A 192 24.15 25.04 25.44
N ARG A 193 23.47 25.26 24.31
CA ARG A 193 22.17 25.94 24.28
C ARG A 193 21.10 25.08 23.61
N ALA A 194 21.32 23.77 23.50
CA ALA A 194 20.38 22.88 22.85
C ALA A 194 20.20 21.62 23.69
N ALA A 195 18.95 21.30 24.01
CA ALA A 195 18.66 20.13 24.83
C ALA A 195 18.62 18.87 23.98
N CYS A 196 19.14 17.78 24.53
CA CYS A 196 19.23 16.52 23.82
C CYS A 196 17.98 15.68 24.06
N SER A 197 17.48 15.08 22.97
CA SER A 197 16.32 14.21 23.06
C SER A 197 16.74 12.82 23.54
N VAL A 198 15.75 11.94 23.67
CA VAL A 198 16.02 10.61 24.19
C VAL A 198 17.00 9.86 23.31
N VAL A 199 17.01 10.15 22.01
CA VAL A 199 17.91 9.49 21.06
C VAL A 199 19.01 10.46 20.70
N ARG A 200 20.10 10.42 21.47
CA ARG A 200 21.22 11.30 21.19
C ARG A 200 21.93 10.84 19.91
N PRO A 201 22.54 11.77 19.17
CA PRO A 201 22.63 13.22 19.42
C PRO A 201 21.55 14.06 18.74
N LEU A 202 20.29 13.63 18.84
CA LEU A 202 19.18 14.35 18.23
C LEU A 202 18.53 15.28 19.25
N ALA A 203 18.32 16.54 18.86
CA ALA A 203 17.78 17.53 19.77
C ALA A 203 16.27 17.38 19.92
N ARG A 204 15.77 17.82 21.08
CA ARG A 204 14.34 17.67 21.34
C ARG A 204 13.51 18.49 20.36
N SER A 205 14.00 19.64 19.92
CA SER A 205 13.25 20.45 18.96
C SER A 205 13.04 19.71 17.65
N HIS A 206 14.11 19.12 17.12
CA HIS A 206 14.03 18.50 15.80
C HIS A 206 13.26 17.18 15.85
N VAL A 207 13.48 16.38 16.89
CA VAL A 207 12.67 15.18 17.04
C VAL A 207 11.21 15.54 17.26
N ALA A 208 10.95 16.67 17.93
CA ALA A 208 9.57 17.11 18.12
C ALA A 208 8.93 17.48 16.80
N LEU A 209 9.66 18.22 15.95
CA LEU A 209 9.13 18.52 14.63
C LEU A 209 8.87 17.25 13.84
N LEU A 210 9.79 16.28 13.93
CA LEU A 210 9.59 14.99 13.27
C LEU A 210 8.33 14.30 13.79
N SER A 211 8.12 14.33 15.10
CA SER A 211 6.96 13.68 15.69
C SER A 211 5.66 14.32 15.22
N ALA A 212 5.59 15.64 15.27
CA ALA A 212 4.38 16.33 14.83
C ALA A 212 4.12 16.05 13.36
N ALA A 213 5.17 16.10 12.54
CA ALA A 213 5.02 15.79 11.13
C ALA A 213 4.50 14.37 10.94
N PHE A 214 5.04 13.42 11.69
CA PHE A 214 4.58 12.04 11.58
C PHE A 214 3.11 11.91 11.97
N PHE A 215 2.70 12.61 13.03
CA PHE A 215 1.30 12.54 13.45
C PHE A 215 0.38 13.04 12.35
N MET A 216 0.72 14.19 11.78
CA MET A 216 -0.13 14.76 10.73
C MET A 216 -0.12 13.89 9.49
N VAL A 217 1.05 13.35 9.14
CA VAL A 217 1.16 12.44 8.01
C VAL A 217 0.26 11.23 8.22
N PHE A 218 0.29 10.66 9.42
CA PHE A 218 -0.52 9.49 9.71
C PHE A 218 -1.99 9.82 9.62
N GLY A 219 -2.40 10.98 10.12
CA GLY A 219 -3.79 11.38 9.99
C GLY A 219 -4.21 11.46 8.53
N ILE A 220 -3.36 12.04 7.69
CA ILE A 220 -3.68 12.15 6.28
C ILE A 220 -3.77 10.77 5.63
N MET A 221 -2.86 9.88 5.99
CA MET A 221 -2.92 8.52 5.47
C MET A 221 -4.23 7.86 5.85
N LEU A 222 -4.69 8.07 7.08
CA LEU A 222 -5.97 7.51 7.50
C LEU A 222 -7.11 8.06 6.65
N HIS A 223 -7.11 9.37 6.40
CA HIS A 223 -8.17 9.92 5.57
C HIS A 223 -8.13 9.33 4.17
N LEU A 224 -6.93 9.15 3.61
CA LEU A 224 -6.83 8.57 2.28
C LEU A 224 -7.33 7.13 2.27
N TYR A 225 -7.04 6.38 3.33
CA TYR A 225 -7.57 5.01 3.42
C TYR A 225 -9.09 5.02 3.42
N VAL A 226 -9.69 5.99 4.11
CA VAL A 226 -11.15 6.06 4.13
C VAL A 226 -11.68 6.43 2.75
N ARG A 227 -10.98 7.32 2.03
CA ARG A 227 -11.38 7.63 0.66
C ARG A 227 -11.31 6.37 -0.21
N ILE A 228 -10.26 5.58 -0.02
CA ILE A 228 -10.13 4.30 -0.73
C ILE A 228 -11.37 3.43 -0.47
N CYS A 229 -11.73 3.29 0.80
CA CYS A 229 -12.90 2.50 1.14
C CYS A 229 -14.12 3.03 0.41
N GLN A 230 -14.34 4.35 0.45
CA GLN A 230 -15.47 4.96 -0.25
C GLN A 230 -15.49 4.54 -1.71
N VAL A 231 -14.32 4.59 -2.35
CA VAL A 231 -14.24 4.23 -3.76
C VAL A 231 -14.72 2.80 -3.98
N VAL A 232 -14.26 1.88 -3.13
CA VAL A 232 -14.66 0.48 -3.31
C VAL A 232 -16.16 0.32 -3.03
N TRP A 233 -16.67 1.01 -2.02
CA TRP A 233 -18.11 0.97 -1.74
C TRP A 233 -18.88 1.34 -2.99
N ARG A 234 -18.47 2.42 -3.65
CA ARG A 234 -19.18 2.86 -4.85
C ARG A 234 -19.02 1.87 -6.00
N HIS A 235 -17.82 1.31 -6.16
CA HIS A 235 -17.62 0.34 -7.23
C HIS A 235 -18.56 -0.85 -7.06
N ALA A 236 -18.79 -1.27 -5.80
CA ALA A 236 -19.73 -2.36 -5.57
C ALA A 236 -21.18 -1.92 -5.73
N ALA A 237 -21.50 -0.71 -5.28
N ALA A 237 -21.50 -0.71 -5.28
CA ALA A 237 -22.89 -0.25 -5.29
CA ALA A 237 -22.89 -0.25 -5.29
C ALA A 237 -23.39 -0.02 -6.71
C ALA A 237 -23.39 -0.02 -6.71
N ASP A 238 -22.57 0.61 -7.55
CA ASP A 238 -22.97 0.82 -8.93
C ASP A 238 -23.12 -0.51 -9.66
N LEU A 239 -22.25 -1.48 -9.35
CA LEU A 239 -22.41 -2.81 -9.92
C LEU A 239 -23.72 -3.46 -9.50
N GLU A 240 -24.10 -3.31 -8.23
CA GLU A 240 -25.38 -3.86 -7.78
C GLU A 240 -26.55 -3.18 -8.50
N ASP A 241 -26.47 -1.86 -8.67
CA ASP A 241 -27.50 -1.15 -9.42
C ASP A 241 -27.59 -1.66 -10.85
N ASN A 242 -26.45 -1.89 -11.48
CA ASN A 242 -26.44 -2.37 -12.85
C ASN A 242 -27.00 -3.79 -12.94
N TRP A 243 -26.71 -4.64 -11.96
CA TRP A 243 -27.31 -5.96 -11.93
C TRP A 243 -28.83 -5.86 -11.81
N GLU A 244 -29.32 -4.99 -10.92
CA GLU A 244 -30.77 -4.81 -10.81
C GLU A 244 -31.36 -4.40 -12.15
N THR A 245 -30.75 -3.39 -12.79
CA THR A 245 -31.27 -2.90 -14.07
C THR A 245 -31.19 -3.96 -15.15
N LEU A 246 -30.09 -4.72 -15.20
CA LEU A 246 -29.92 -5.73 -16.24
C LEU A 246 -30.92 -6.87 -16.07
N ASN A 247 -31.13 -7.34 -14.85
CA ASN A 247 -32.13 -8.37 -14.63
C ASN A 247 -33.53 -7.85 -14.91
N ASP A 248 -33.81 -6.60 -14.54
CA ASP A 248 -35.10 -6.02 -14.88
C ASP A 248 -35.28 -5.94 -16.39
N ASN A 249 -34.22 -5.61 -17.13
CA ASN A 249 -34.31 -5.53 -18.58
C ASN A 249 -34.54 -6.91 -19.19
N LEU A 250 -33.80 -7.92 -18.73
CA LEU A 250 -34.02 -9.27 -19.24
C LEU A 250 -35.43 -9.74 -18.93
N LYS A 251 -35.95 -9.40 -17.75
CA LYS A 251 -37.32 -9.78 -17.40
C LYS A 251 -38.33 -9.08 -18.30
N VAL A 252 -38.16 -7.77 -18.52
CA VAL A 252 -39.14 -7.02 -19.30
C VAL A 252 -39.02 -7.31 -20.79
N ILE A 253 -37.89 -7.85 -21.25
CA ILE A 253 -37.77 -8.26 -22.64
C ILE A 253 -38.77 -9.36 -22.96
N GLU A 254 -38.86 -10.35 -22.08
CA GLU A 254 -39.70 -11.51 -22.32
C GLU A 254 -41.17 -11.12 -22.44
N LYS A 255 -41.61 -10.15 -21.63
CA LYS A 255 -43.00 -9.72 -21.62
C LYS A 255 -43.16 -8.45 -22.45
N ALA A 256 -43.13 -8.64 -23.77
CA ALA A 256 -43.42 -7.54 -24.69
C ALA A 256 -43.64 -8.08 -26.10
N ASP A 257 -44.74 -7.69 -26.73
CA ASP A 257 -45.08 -8.13 -28.07
C ASP A 257 -44.63 -7.13 -29.14
N ASN A 258 -43.94 -6.06 -28.75
CA ASN A 258 -43.49 -5.03 -29.68
C ASN A 258 -41.98 -5.12 -29.87
N ALA A 259 -41.55 -4.91 -31.12
CA ALA A 259 -40.13 -4.93 -31.45
C ALA A 259 -39.36 -3.74 -30.87
N ALA A 260 -40.07 -2.70 -30.41
CA ALA A 260 -39.39 -1.55 -29.85
C ALA A 260 -39.03 -1.75 -28.38
N GLN A 261 -39.86 -2.48 -27.63
CA GLN A 261 -39.53 -2.79 -26.25
C GLN A 261 -38.21 -3.55 -26.17
N VAL A 262 -37.99 -4.48 -27.08
CA VAL A 262 -36.74 -5.24 -27.10
C VAL A 262 -35.56 -4.30 -27.36
N LYS A 263 -35.70 -3.40 -28.31
CA LYS A 263 -34.62 -2.46 -28.59
C LYS A 263 -34.31 -1.60 -27.38
N ASP A 264 -35.34 -1.10 -26.70
CA ASP A 264 -35.12 -0.26 -25.52
C ASP A 264 -34.41 -1.04 -24.42
N ALA A 265 -34.90 -2.23 -24.11
CA ALA A 265 -34.30 -3.03 -23.05
C ALA A 265 -32.86 -3.38 -23.39
N LEU A 266 -32.60 -3.71 -24.66
CA LEU A 266 -31.25 -4.08 -25.05
C LEU A 266 -30.29 -2.89 -24.99
N THR A 267 -30.77 -1.70 -25.38
CA THR A 267 -29.92 -0.52 -25.27
C THR A 267 -29.61 -0.20 -23.81
N LYS A 268 -30.60 -0.30 -22.93
CA LYS A 268 -30.35 -0.08 -21.51
C LYS A 268 -29.38 -1.12 -20.96
N MET A 269 -29.53 -2.37 -21.39
CA MET A 269 -28.61 -3.44 -20.99
C MET A 269 -27.20 -3.13 -21.46
N ARG A 270 -27.05 -2.65 -22.70
CA ARG A 270 -25.76 -2.27 -23.22
C ARG A 270 -25.13 -1.17 -22.39
N ALA A 271 -25.92 -0.15 -22.04
CA ALA A 271 -25.40 0.95 -21.24
C ALA A 271 -24.93 0.45 -19.87
N ALA A 272 -25.71 -0.42 -19.25
CA ALA A 272 -25.31 -0.98 -17.95
C ALA A 272 -24.00 -1.74 -18.08
N ALA A 273 -23.89 -2.57 -19.12
CA ALA A 273 -22.66 -3.35 -19.32
C ALA A 273 -21.46 -2.44 -19.49
N LEU A 274 -21.61 -1.37 -20.27
CA LEU A 274 -20.49 -0.47 -20.53
C LEU A 274 -20.11 0.31 -19.26
N ASP A 275 -21.09 0.68 -18.44
CA ASP A 275 -20.76 1.28 -17.15
C ASP A 275 -19.91 0.33 -16.30
N ALA A 276 -20.38 -0.92 -16.18
CA ALA A 276 -19.64 -1.89 -15.38
C ALA A 276 -18.22 -2.07 -15.90
N GLN A 277 -18.05 -2.06 -17.22
CA GLN A 277 -16.71 -2.13 -17.79
C GLN A 277 -15.89 -0.92 -17.39
N LYS A 278 -16.50 0.27 -17.43
CA LYS A 278 -15.78 1.50 -17.11
C LYS A 278 -15.26 1.47 -15.68
N ALA A 279 -15.94 0.75 -14.78
CA ALA A 279 -15.55 0.78 -13.37
C ALA A 279 -14.10 0.34 -13.17
N THR A 280 -13.74 -0.84 -13.67
CA THR A 280 -12.41 -1.41 -13.40
C THR A 280 -11.91 -2.28 -14.53
N PRO A 281 -10.98 -1.81 -15.37
CA PRO A 281 -10.28 -2.75 -16.26
C PRO A 281 -9.54 -3.79 -15.45
N PRO A 282 -8.88 -3.40 -14.34
CA PRO A 282 -8.42 -4.34 -13.33
C PRO A 282 -9.28 -4.20 -12.09
N HIS A 299 -10.93 -13.12 -19.33
CA HIS A 299 -11.30 -12.12 -18.34
C HIS A 299 -11.99 -10.93 -19.01
N GLY A 300 -12.61 -11.17 -20.15
CA GLY A 300 -13.25 -10.10 -20.90
C GLY A 300 -14.75 -10.29 -21.07
N PHE A 301 -15.52 -9.30 -20.64
CA PHE A 301 -16.95 -9.25 -20.89
C PHE A 301 -17.29 -8.42 -22.11
N ASP A 302 -16.28 -7.91 -22.82
CA ASP A 302 -16.54 -7.32 -24.14
C ASP A 302 -17.21 -8.34 -25.04
N ILE A 303 -17.04 -9.63 -24.74
CA ILE A 303 -17.82 -10.66 -25.41
C ILE A 303 -19.30 -10.46 -25.12
N LEU A 304 -19.65 -10.19 -23.86
CA LEU A 304 -21.06 -9.93 -23.55
C LEU A 304 -21.54 -8.70 -24.30
N VAL A 305 -20.69 -7.67 -24.37
CA VAL A 305 -21.05 -6.49 -25.15
C VAL A 305 -21.33 -6.89 -26.60
N GLY A 306 -20.49 -7.78 -27.13
CA GLY A 306 -20.69 -8.22 -28.51
C GLY A 306 -21.94 -9.05 -28.70
N GLN A 307 -22.27 -9.90 -27.72
CA GLN A 307 -23.49 -10.69 -27.80
C GLN A 307 -24.71 -9.78 -27.72
N ILE A 308 -24.66 -8.75 -26.87
CA ILE A 308 -25.72 -7.75 -26.82
C ILE A 308 -25.80 -6.99 -28.13
N ASP A 309 -24.66 -6.76 -28.78
CA ASP A 309 -24.66 -6.14 -30.10
C ASP A 309 -25.35 -7.04 -31.13
N ASP A 310 -25.07 -8.34 -31.08
CA ASP A 310 -25.76 -9.28 -31.95
C ASP A 310 -27.26 -9.24 -31.72
N ALA A 311 -27.66 -9.23 -30.45
CA ALA A 311 -29.08 -9.17 -30.11
C ALA A 311 -29.72 -7.88 -30.63
N LEU A 312 -29.01 -6.76 -30.48
CA LEU A 312 -29.51 -5.50 -31.01
C LEU A 312 -29.67 -5.57 -32.53
N LYS A 313 -28.67 -6.11 -33.22
CA LYS A 313 -28.77 -6.25 -34.67
C LYS A 313 -30.01 -7.02 -35.06
N LEU A 314 -30.23 -8.18 -34.43
CA LEU A 314 -31.41 -8.97 -34.75
C LEU A 314 -32.69 -8.19 -34.43
N ALA A 315 -32.73 -7.54 -33.27
CA ALA A 315 -33.94 -6.84 -32.86
C ALA A 315 -34.32 -5.74 -33.85
N ASN A 316 -33.34 -5.00 -34.34
CA ASN A 316 -33.64 -3.86 -35.20
C ASN A 316 -34.35 -4.29 -36.48
N GLU A 317 -33.85 -5.35 -37.13
CA GLU A 317 -34.41 -5.79 -38.41
C GLU A 317 -35.54 -6.78 -38.23
N GLY A 318 -36.54 -6.39 -37.44
CA GLY A 318 -37.74 -7.19 -37.23
C GLY A 318 -37.48 -8.65 -36.99
N LYS A 319 -36.82 -8.99 -35.88
CA LYS A 319 -36.50 -10.39 -35.57
C LYS A 319 -36.84 -10.70 -34.12
N VAL A 320 -38.05 -10.30 -33.69
CA VAL A 320 -38.38 -10.26 -32.26
C VAL A 320 -38.15 -11.62 -31.60
N LYS A 321 -38.69 -12.68 -32.19
CA LYS A 321 -38.64 -13.99 -31.54
C LYS A 321 -37.19 -14.42 -31.31
N GLU A 322 -36.36 -14.30 -32.34
CA GLU A 322 -34.97 -14.71 -32.21
C GLU A 322 -34.13 -13.71 -31.42
N ALA A 323 -34.51 -12.42 -31.44
CA ALA A 323 -33.83 -11.46 -30.58
C ALA A 323 -34.02 -11.82 -29.11
N GLN A 324 -35.25 -12.21 -28.74
CA GLN A 324 -35.48 -12.68 -27.38
C GLN A 324 -34.68 -13.94 -27.08
N ALA A 325 -34.60 -14.86 -28.06
CA ALA A 325 -33.79 -16.05 -27.84
C ALA A 325 -32.33 -15.70 -27.59
N ALA A 326 -31.79 -14.73 -28.33
CA ALA A 326 -30.41 -14.28 -28.11
C ALA A 326 -30.26 -13.64 -26.73
N ALA A 327 -31.24 -12.83 -26.33
CA ALA A 327 -31.20 -12.26 -24.98
C ALA A 327 -31.20 -13.35 -23.92
N GLU A 328 -31.82 -14.50 -24.22
CA GLU A 328 -31.75 -15.63 -23.30
C GLU A 328 -30.36 -16.28 -23.33
N GLN A 329 -29.79 -16.47 -24.52
CA GLN A 329 -28.44 -17.03 -24.61
C GLN A 329 -27.46 -16.16 -23.84
N LEU A 330 -27.73 -14.86 -23.75
CA LEU A 330 -26.91 -13.97 -22.92
C LEU A 330 -26.80 -14.48 -21.49
N LYS A 331 -27.71 -15.34 -21.05
CA LYS A 331 -27.70 -15.78 -19.65
C LYS A 331 -26.42 -16.52 -19.30
N THR A 332 -25.94 -17.38 -20.21
CA THR A 332 -24.72 -18.15 -19.92
C THR A 332 -23.52 -17.22 -19.73
N THR A 333 -23.31 -16.32 -20.69
CA THR A 333 -22.20 -15.38 -20.59
C THR A 333 -22.37 -14.43 -19.41
N ARG A 334 -23.60 -14.04 -19.09
CA ARG A 334 -23.83 -13.19 -17.93
C ARG A 334 -23.47 -13.92 -16.64
N ASN A 335 -23.82 -15.21 -16.54
CA ASN A 335 -23.41 -16.00 -15.38
C ASN A 335 -21.90 -16.04 -15.26
N ALA A 336 -21.21 -16.30 -16.39
CA ALA A 336 -19.75 -16.34 -16.35
C ALA A 336 -19.18 -15.00 -15.87
N TYR A 337 -19.66 -13.89 -16.45
CA TYR A 337 -19.12 -12.57 -16.11
C TYR A 337 -19.38 -12.20 -14.66
N ILE A 338 -20.60 -12.47 -14.17
CA ILE A 338 -20.93 -12.12 -12.79
C ILE A 338 -20.11 -12.96 -11.83
N GLN A 339 -19.88 -14.24 -12.16
CA GLN A 339 -18.94 -15.03 -11.36
C GLN A 339 -17.56 -14.41 -11.38
N LYS A 340 -17.17 -13.83 -12.52
CA LYS A 340 -15.83 -13.26 -12.64
C LYS A 340 -15.63 -12.07 -11.70
N TYR A 341 -16.52 -11.08 -11.76
CA TYR A 341 -16.24 -9.82 -11.09
C TYR A 341 -16.13 -9.97 -9.58
N LEU A 342 -16.82 -10.97 -9.01
CA LEU A 342 -16.80 -11.16 -7.56
C LEU A 342 -15.39 -11.48 -7.08
N ALA A 343 -14.67 -12.32 -7.82
CA ALA A 343 -13.29 -12.63 -7.44
C ALA A 343 -12.43 -11.38 -7.48
N HIS A 344 -12.65 -10.53 -8.48
CA HIS A 344 -11.89 -9.28 -8.55
C HIS A 344 -12.13 -8.43 -7.31
N LEU A 345 -13.40 -8.27 -6.93
CA LEU A 345 -13.68 -7.44 -5.76
C LEU A 345 -13.14 -8.07 -4.49
N ALA A 346 -13.15 -9.41 -4.39
CA ALA A 346 -12.53 -10.06 -3.24
C ALA A 346 -11.04 -9.78 -3.17
N ALA A 347 -10.35 -9.82 -4.31
CA ALA A 347 -8.92 -9.51 -4.32
C ALA A 347 -8.68 -8.06 -3.91
N THR A 348 -9.52 -7.15 -4.40
CA THR A 348 -9.39 -5.75 -4.00
C THR A 348 -9.55 -5.61 -2.48
N ARG A 349 -10.57 -6.27 -1.93
CA ARG A 349 -10.77 -6.22 -0.48
C ARG A 349 -9.53 -6.75 0.24
N LYS A 350 -8.94 -7.83 -0.27
CA LYS A 350 -7.76 -8.39 0.36
C LYS A 350 -6.60 -7.39 0.36
N GLY A 351 -6.36 -6.77 -0.78
CA GLY A 351 -5.26 -5.81 -0.85
C GLY A 351 -5.46 -4.63 0.07
N VAL A 352 -6.66 -4.07 0.08
CA VAL A 352 -6.95 -2.94 0.94
C VAL A 352 -6.83 -3.34 2.40
N ARG A 353 -7.27 -4.56 2.73
CA ARG A 353 -7.16 -5.05 4.10
C ARG A 353 -5.70 -5.14 4.53
N THR A 354 -4.83 -5.64 3.64
CA THR A 354 -3.41 -5.67 3.96
C THR A 354 -2.88 -4.26 4.20
N LEU A 355 -3.30 -3.31 3.36
CA LEU A 355 -2.91 -1.92 3.57
C LEU A 355 -3.30 -1.46 4.97
N ALA A 356 -4.55 -1.74 5.36
CA ALA A 356 -5.03 -1.28 6.66
C ALA A 356 -4.23 -1.91 7.79
N VAL A 357 -3.94 -3.20 7.68
CA VAL A 357 -3.17 -3.88 8.73
C VAL A 357 -1.80 -3.24 8.86
N VAL A 358 -1.16 -2.97 7.73
CA VAL A 358 0.17 -2.37 7.77
C VAL A 358 0.13 -1.01 8.44
N LEU A 359 -0.87 -0.20 8.08
CA LEU A 359 -0.99 1.12 8.69
C LEU A 359 -1.15 1.00 10.20
N GLY A 360 -2.03 0.08 10.63
CA GLY A 360 -2.25 -0.09 12.06
C GLY A 360 -0.98 -0.51 12.79
N THR A 361 -0.24 -1.46 12.22
CA THR A 361 0.98 -1.91 12.87
C THR A 361 2.00 -0.79 12.96
N PHE A 362 2.17 -0.03 11.88
CA PHE A 362 3.13 1.07 11.89
C PHE A 362 2.76 2.09 12.95
N GLY A 363 1.48 2.48 12.99
CA GLY A 363 1.05 3.43 13.99
C GLY A 363 1.28 2.93 15.40
N ALA A 364 0.86 1.70 15.68
CA ALA A 364 1.00 1.15 17.02
C ALA A 364 2.47 1.09 17.42
N CYS A 365 3.34 0.73 16.50
CA CYS A 365 4.75 0.58 16.84
C CYS A 365 5.44 1.92 17.06
N TRP A 366 5.11 2.92 16.24
CA TRP A 366 5.87 4.16 16.27
C TRP A 366 5.26 5.23 17.17
N LEU A 367 3.94 5.31 17.23
CA LEU A 367 3.31 6.34 18.06
C LEU A 367 3.77 6.31 19.50
N PRO A 368 3.99 5.16 20.14
CA PRO A 368 4.57 5.20 21.49
C PRO A 368 5.83 6.04 21.55
N PHE A 369 6.82 5.73 20.71
CA PHE A 369 8.01 6.57 20.66
C PHE A 369 7.68 7.97 20.17
N ALA A 370 6.81 8.07 19.16
CA ALA A 370 6.52 9.39 18.61
C ALA A 370 6.01 10.34 19.69
N ILE A 371 5.36 9.80 20.72
CA ILE A 371 4.89 10.59 21.84
C ILE A 371 5.99 10.76 22.88
N TYR A 372 6.68 9.67 23.21
CA TYR A 372 7.65 9.71 24.29
C TYR A 372 8.79 10.67 23.98
N CYS A 373 9.29 10.67 22.75
CA CYS A 373 10.45 11.49 22.41
C CYS A 373 10.18 12.97 22.67
N VAL A 374 8.91 13.37 22.72
CA VAL A 374 8.53 14.74 23.02
C VAL A 374 8.15 14.90 24.49
N VAL A 375 7.32 14.00 25.01
CA VAL A 375 6.94 14.03 26.42
C VAL A 375 8.01 13.42 27.32
N GLY A 376 9.10 12.93 26.75
CA GLY A 376 10.19 12.43 27.57
C GLY A 376 10.72 13.49 28.50
N SER A 377 11.27 13.05 29.63
CA SER A 377 11.57 13.95 30.74
C SER A 377 13.06 14.22 30.96
N HIS A 378 13.95 13.51 30.28
CA HIS A 378 15.40 13.68 30.42
C HIS A 378 15.90 13.20 31.78
N GLU A 379 15.02 12.78 32.67
CA GLU A 379 15.38 12.20 33.95
C GLU A 379 14.68 10.87 34.18
N ASP A 380 13.90 10.39 33.22
CA ASP A 380 13.15 9.15 33.35
C ASP A 380 14.07 7.94 33.21
N PRO A 381 13.59 6.76 33.58
CA PRO A 381 14.40 5.54 33.41
C PRO A 381 14.64 5.25 31.94
N ALA A 382 15.74 4.54 31.68
CA ALA A 382 16.10 4.18 30.31
C ALA A 382 15.06 3.25 29.70
N VAL A 383 14.37 2.46 30.53
CA VAL A 383 13.52 1.41 30.00
C VAL A 383 12.46 1.99 29.07
N TYR A 384 11.88 3.14 29.44
CA TYR A 384 10.84 3.74 28.60
C TYR A 384 11.32 3.89 27.16
N THR A 385 12.55 4.37 27.00
CA THR A 385 13.13 4.51 25.66
C THR A 385 13.03 3.21 24.88
N TYR A 386 13.50 2.12 25.48
CA TYR A 386 13.39 0.82 24.85
C TYR A 386 11.93 0.50 24.57
N ALA A 387 11.09 0.45 25.60
CA ALA A 387 9.70 0.07 25.42
C ALA A 387 9.05 0.80 24.26
N THR A 388 9.55 1.99 23.90
CA THR A 388 9.01 2.68 22.72
C THR A 388 9.75 2.36 21.44
N LEU A 389 11.07 2.13 21.51
CA LEU A 389 11.83 1.78 20.32
C LEU A 389 11.63 0.31 19.92
N LEU A 390 11.48 -0.56 20.91
CA LEU A 390 11.27 -1.98 20.65
C LEU A 390 10.06 -2.20 19.76
N PRO A 391 8.89 -1.64 20.03
CA PRO A 391 7.83 -1.70 19.02
C PRO A 391 8.26 -1.05 17.71
N ALA A 392 8.79 0.16 17.77
CA ALA A 392 9.17 0.87 16.56
C ALA A 392 10.21 0.10 15.77
N THR A 393 11.22 -0.44 16.46
CA THR A 393 12.27 -1.17 15.76
C THR A 393 11.75 -2.48 15.18
N LEU A 394 11.02 -3.26 15.98
CA LEU A 394 10.52 -4.52 15.48
C LEU A 394 9.38 -4.34 14.49
N ASN A 395 8.89 -3.11 14.31
CA ASN A 395 7.99 -2.84 13.20
C ASN A 395 8.66 -3.15 11.87
N SER A 396 9.92 -2.75 11.73
CA SER A 396 10.68 -3.11 10.53
C SER A 396 10.81 -4.61 10.38
N MET A 397 10.86 -5.35 11.50
CA MET A 397 10.95 -6.80 11.44
C MET A 397 9.62 -7.41 11.02
N ILE A 398 8.52 -6.84 11.50
CA ILE A 398 7.20 -7.43 11.25
C ILE A 398 6.69 -7.07 9.87
N ASN A 399 7.12 -5.95 9.30
CA ASN A 399 6.60 -5.55 8.00
C ASN A 399 6.87 -6.58 6.91
N PRO A 400 8.09 -7.11 6.75
CA PRO A 400 8.29 -8.15 5.73
C PRO A 400 7.35 -9.33 5.90
N ILE A 401 7.04 -9.71 7.13
CA ILE A 401 6.22 -10.89 7.39
C ILE A 401 4.82 -10.72 6.81
N ILE A 402 4.25 -9.53 6.97
CA ILE A 402 2.83 -9.32 6.67
C ILE A 402 2.53 -9.67 5.22
N TYR A 403 3.19 -8.97 4.29
CA TYR A 403 2.93 -9.19 2.88
C TYR A 403 3.09 -10.67 2.51
N ALA A 404 4.13 -11.32 3.03
CA ALA A 404 4.34 -12.73 2.73
C ALA A 404 3.13 -13.57 3.13
N PHE A 405 2.65 -13.38 4.36
CA PHE A 405 1.51 -14.17 4.80
C PHE A 405 0.24 -13.83 4.03
N ARG A 406 0.18 -12.65 3.41
CA ARG A 406 -1.06 -12.18 2.83
C ARG A 406 -0.99 -11.99 1.32
N ASN A 407 0.00 -11.26 0.82
CA ASN A 407 0.12 -11.03 -0.62
C ASN A 407 0.62 -12.30 -1.30
N GLN A 408 -0.28 -12.97 -2.04
CA GLN A 408 0.07 -14.26 -2.62
C GLN A 408 1.10 -14.13 -3.73
N GLU A 409 1.03 -13.05 -4.51
CA GLU A 409 1.91 -12.90 -5.66
C GLU A 409 3.38 -12.95 -5.25
N ILE A 410 3.74 -12.22 -4.18
CA ILE A 410 5.12 -12.21 -3.73
C ILE A 410 5.44 -13.45 -2.88
N GLN A 411 4.44 -14.00 -2.18
CA GLN A 411 4.63 -15.26 -1.49
C GLN A 411 5.09 -16.35 -2.45
N ARG A 412 4.62 -16.30 -3.69
CA ARG A 412 5.06 -17.25 -4.70
C ARG A 412 6.59 -17.23 -4.82
N ALA A 413 7.17 -16.05 -5.03
CA ALA A 413 8.62 -15.97 -5.15
C ALA A 413 9.30 -16.42 -3.87
N LEU A 414 8.69 -16.12 -2.73
CA LEU A 414 9.29 -16.55 -1.46
C LEU A 414 9.53 -18.06 -1.47
N TRP A 415 8.54 -18.83 -1.92
CA TRP A 415 8.72 -20.28 -1.96
C TRP A 415 9.45 -20.76 -3.22
N LEU A 416 9.66 -19.88 -4.21
CA LEU A 416 10.28 -20.28 -5.47
C LEU A 416 11.72 -20.76 -5.30
N LEU A 417 12.50 -20.10 -4.46
CA LEU A 417 13.91 -20.45 -4.33
C LEU A 417 14.09 -21.90 -3.90
N LEU A 418 13.18 -22.41 -3.05
CA LEU A 418 13.28 -23.79 -2.63
C LEU A 418 13.24 -24.73 -3.82
N ASP A 419 12.36 -24.46 -4.79
CA ASP A 419 12.44 -25.15 -6.07
C ASP A 419 13.80 -24.90 -6.71
N GLY A 420 14.31 -23.68 -6.56
CA GLY A 420 15.68 -23.41 -6.98
C GLY A 420 16.70 -24.24 -6.23
N CYS A 421 16.50 -24.40 -4.92
CA CYS A 421 17.43 -25.17 -4.09
C CYS A 421 16.81 -26.50 -3.67
#